data_6N3W
#
_entry.id   6N3W
#
_cell.length_a   77.972
_cell.length_b   46.210
_cell.length_c   63.844
_cell.angle_alpha   90.000
_cell.angle_beta   94.740
_cell.angle_gamma   90.000
#
_symmetry.space_group_name_H-M   'C 1 2 1'
#
loop_
_entity.id
_entity.type
_entity.pdbx_description
1 polymer 'Histidine triad nucleotide-binding protein 1'
2 non-polymer "5'-O-[(2-phenylethyl)carbamoyl]guanosine"
3 water water
#
_entity_poly.entity_id   1
_entity_poly.type   'polypeptide(L)'
_entity_poly.pdbx_seq_one_letter_code
;SNAMADEIAKAQVARPGGDTIFGKIIRKEIPAKIIFEDDRCLAFHDISPQAPTHFLVIPKKHISQISVAEDDDESLLGHL
MIVGKKCAADLGLNKGYRMVVNEGSDGGQSVYHVHLHVLGGRQMHWPPG
;
_entity_poly.pdbx_strand_id   A,B
#
# COMPACT_ATOMS: atom_id res chain seq x y z
N ARG A 15 -17.15 6.13 -20.39
CA ARG A 15 -16.28 5.01 -20.67
C ARG A 15 -15.79 4.39 -19.35
N PRO A 16 -15.80 3.06 -19.27
CA PRO A 16 -15.46 2.40 -18.00
C PRO A 16 -14.02 2.65 -17.60
N GLY A 17 -13.82 3.07 -16.35
CA GLY A 17 -12.51 3.40 -15.85
C GLY A 17 -12.19 4.88 -15.82
N GLY A 18 -13.00 5.71 -16.48
CA GLY A 18 -12.80 7.14 -16.46
C GLY A 18 -11.77 7.56 -17.48
N ASP A 19 -11.45 8.85 -17.48
CA ASP A 19 -10.56 9.41 -18.49
C ASP A 19 -9.25 9.93 -17.92
N THR A 20 -8.88 9.61 -16.68
CA THR A 20 -7.50 9.81 -16.29
C THR A 20 -6.62 8.94 -17.19
N ILE A 21 -5.32 9.23 -17.18
CA ILE A 21 -4.37 8.43 -17.94
C ILE A 21 -4.56 6.95 -17.62
N PHE A 22 -4.89 6.62 -16.37
CA PHE A 22 -5.01 5.21 -16.00
C PHE A 22 -6.27 4.59 -16.59
N GLY A 23 -7.37 5.35 -16.65
CA GLY A 23 -8.55 4.87 -17.36
C GLY A 23 -8.28 4.62 -18.83
N LYS A 24 -7.51 5.51 -19.47
CA LYS A 24 -7.12 5.32 -20.88
C LYS A 24 -6.27 4.06 -21.05
N ILE A 25 -5.34 3.82 -20.12
CA ILE A 25 -4.51 2.62 -20.19
C ILE A 25 -5.37 1.36 -20.01
N ILE A 26 -6.32 1.39 -19.07
CA ILE A 26 -7.20 0.24 -18.88
C ILE A 26 -7.90 -0.13 -20.18
N ARG A 27 -8.38 0.87 -20.92
CA ARG A 27 -9.12 0.61 -22.16
C ARG A 27 -8.22 0.48 -23.38
N LYS A 28 -6.89 0.36 -23.19
CA LYS A 28 -5.93 0.16 -24.26
C LYS A 28 -5.90 1.32 -25.25
N GLU A 29 -6.32 2.51 -24.80
CA GLU A 29 -6.33 3.71 -25.62
C GLU A 29 -5.00 4.44 -25.57
N ILE A 30 -4.24 4.23 -24.51
N ILE A 30 -4.23 4.23 -24.52
CA ILE A 30 -2.86 4.72 -24.38
CA ILE A 30 -2.87 4.72 -24.42
C ILE A 30 -2.00 3.49 -24.08
C ILE A 30 -2.00 3.49 -24.09
N PRO A 31 -0.86 3.30 -24.74
CA PRO A 31 -0.07 2.10 -24.50
C PRO A 31 0.59 2.10 -23.14
N ALA A 32 0.84 0.90 -22.64
CA ALA A 32 1.58 0.70 -21.41
C ALA A 32 2.26 -0.65 -21.49
N LYS A 33 3.24 -0.87 -20.62
CA LYS A 33 3.97 -2.14 -20.57
C LYS A 33 3.30 -2.99 -19.48
N ILE A 34 2.41 -3.88 -19.92
N ILE A 34 2.43 -3.90 -19.90
CA ILE A 34 1.56 -4.63 -19.01
CA ILE A 34 1.55 -4.59 -18.97
C ILE A 34 2.31 -5.83 -18.45
C ILE A 34 2.21 -5.86 -18.47
N ILE A 35 2.15 -6.06 -17.16
CA ILE A 35 2.74 -7.22 -16.48
C ILE A 35 1.71 -8.30 -16.23
N PHE A 36 0.52 -7.88 -15.80
CA PHE A 36 -0.55 -8.80 -15.43
C PHE A 36 -1.88 -8.08 -15.59
N GLU A 37 -2.91 -8.83 -15.98
CA GLU A 37 -4.23 -8.26 -16.10
C GLU A 37 -5.26 -9.33 -15.73
N ASP A 38 -6.26 -8.94 -14.94
CA ASP A 38 -7.44 -9.77 -14.74
C ASP A 38 -8.67 -8.88 -14.78
N ASP A 39 -9.81 -9.45 -14.35
CA ASP A 39 -11.07 -8.73 -14.42
C ASP A 39 -11.16 -7.58 -13.44
N ARG A 40 -10.31 -7.56 -12.41
N ARG A 40 -10.29 -7.53 -12.42
CA ARG A 40 -10.36 -6.58 -11.34
CA ARG A 40 -10.40 -6.52 -11.38
C ARG A 40 -9.27 -5.52 -11.41
C ARG A 40 -9.25 -5.52 -11.37
N CYS A 41 -8.13 -5.83 -12.01
CA CYS A 41 -6.98 -4.93 -11.89
C CYS A 41 -6.03 -5.11 -13.05
N LEU A 42 -5.03 -4.23 -13.07
CA LEU A 42 -4.03 -4.17 -14.13
C LEU A 42 -2.71 -3.79 -13.48
N ALA A 43 -1.64 -4.51 -13.79
CA ALA A 43 -0.30 -4.16 -13.33
C ALA A 43 0.56 -3.76 -14.53
N PHE A 44 1.26 -2.64 -14.42
CA PHE A 44 2.03 -2.16 -15.55
C PHE A 44 3.17 -1.29 -15.04
N HIS A 45 4.23 -1.18 -15.85
CA HIS A 45 5.43 -0.49 -15.38
C HIS A 45 5.22 1.02 -15.35
N ASP A 46 5.82 1.69 -14.37
CA ASP A 46 5.76 3.15 -14.27
C ASP A 46 6.67 3.80 -15.32
N ILE A 47 6.18 4.85 -15.97
N ILE A 47 6.16 4.84 -15.96
CA ILE A 47 7.00 5.48 -17.02
CA ILE A 47 6.90 5.53 -17.02
C ILE A 47 8.16 6.27 -16.46
C ILE A 47 8.03 6.38 -16.49
N SER A 48 8.08 6.69 -15.18
N SER A 48 8.07 6.62 -15.17
CA SER A 48 9.14 7.44 -14.53
CA SER A 48 9.12 7.42 -14.53
C SER A 48 9.61 6.64 -13.31
C SER A 48 9.62 6.65 -13.32
N PRO A 49 10.32 5.54 -13.54
CA PRO A 49 10.66 4.64 -12.41
C PRO A 49 11.60 5.30 -11.43
N GLN A 50 11.35 5.04 -10.15
CA GLN A 50 12.16 5.55 -9.05
C GLN A 50 13.03 4.46 -8.45
N ALA A 51 12.99 3.27 -9.01
CA ALA A 51 13.82 2.14 -8.59
C ALA A 51 14.04 1.29 -9.82
N PRO A 52 15.06 0.42 -9.81
CA PRO A 52 15.31 -0.40 -11.00
C PRO A 52 14.06 -1.14 -11.49
N THR A 53 13.20 -1.60 -10.60
CA THR A 53 11.86 -2.08 -10.93
C THR A 53 10.85 -1.19 -10.21
N HIS A 54 9.89 -0.68 -10.97
CA HIS A 54 8.87 0.21 -10.40
C HIS A 54 7.62 0.04 -11.24
N PHE A 55 6.58 -0.58 -10.68
CA PHE A 55 5.35 -0.76 -11.43
C PHE A 55 4.16 -0.35 -10.58
N LEU A 56 3.00 -0.34 -11.22
CA LEU A 56 1.76 0.13 -10.62
C LEU A 56 0.74 -0.99 -10.70
N VAL A 57 -0.10 -1.12 -9.69
CA VAL A 57 -1.26 -2.01 -9.74
C VAL A 57 -2.49 -1.14 -9.52
N ILE A 58 -3.43 -1.20 -10.45
CA ILE A 58 -4.59 -0.31 -10.36
C ILE A 58 -5.84 -1.15 -10.50
N PRO A 59 -6.93 -0.77 -9.84
CA PRO A 59 -8.22 -1.41 -10.13
C PRO A 59 -8.73 -0.96 -11.47
N LYS A 60 -9.55 -1.81 -12.10
CA LYS A 60 -10.27 -1.37 -13.29
C LYS A 60 -11.47 -0.52 -12.93
N LYS A 61 -12.10 -0.79 -11.78
CA LYS A 61 -13.10 0.13 -11.24
C LYS A 61 -12.44 1.46 -10.92
N HIS A 62 -13.05 2.56 -11.37
CA HIS A 62 -12.49 3.87 -11.06
C HIS A 62 -12.88 4.26 -9.64
N ILE A 63 -11.86 4.43 -8.80
CA ILE A 63 -11.95 5.09 -7.50
C ILE A 63 -10.93 6.21 -7.51
N SER A 64 -11.35 7.43 -7.16
CA SER A 64 -10.45 8.56 -7.38
C SER A 64 -9.25 8.53 -6.43
N GLN A 65 -9.46 8.11 -5.19
CA GLN A 65 -8.40 8.16 -4.19
C GLN A 65 -8.83 7.27 -3.03
N ILE A 66 -7.85 6.86 -2.23
CA ILE A 66 -8.14 5.90 -1.18
C ILE A 66 -9.09 6.49 -0.15
N SER A 67 -9.05 7.81 0.05
N SER A 67 -9.05 7.81 0.06
CA SER A 67 -9.88 8.41 1.09
CA SER A 67 -9.89 8.41 1.10
C SER A 67 -11.37 8.28 0.80
C SER A 67 -11.38 8.29 0.80
N VAL A 68 -11.77 8.02 -0.45
CA VAL A 68 -13.17 7.86 -0.80
C VAL A 68 -13.54 6.42 -1.15
N ALA A 69 -12.63 5.47 -0.92
CA ALA A 69 -12.96 4.07 -1.14
C ALA A 69 -14.07 3.62 -0.20
N GLU A 70 -14.97 2.79 -0.72
CA GLU A 70 -16.09 2.28 0.06
C GLU A 70 -15.67 1.06 0.87
N ASP A 71 -16.43 0.80 1.96
CA ASP A 71 -16.20 -0.41 2.74
C ASP A 71 -16.22 -1.65 1.86
N ASP A 72 -17.11 -1.68 0.87
CA ASP A 72 -17.22 -2.84 -0.01
C ASP A 72 -16.06 -2.98 -0.99
N ASP A 73 -15.12 -2.02 -0.98
CA ASP A 73 -13.93 -2.09 -1.81
C ASP A 73 -12.78 -2.84 -1.14
N GLU A 74 -13.00 -3.42 0.05
CA GLU A 74 -11.90 -4.06 0.78
C GLU A 74 -11.23 -5.14 -0.05
N SER A 75 -12.02 -6.07 -0.60
CA SER A 75 -11.45 -7.20 -1.32
C SER A 75 -10.65 -6.73 -2.53
N LEU A 76 -11.17 -5.72 -3.22
CA LEU A 76 -10.49 -5.18 -4.39
C LEU A 76 -9.15 -4.56 -4.00
N LEU A 77 -9.14 -3.76 -2.94
CA LEU A 77 -7.88 -3.15 -2.49
C LEU A 77 -6.89 -4.20 -2.05
N GLY A 78 -7.35 -5.21 -1.31
CA GLY A 78 -6.48 -6.32 -0.97
C GLY A 78 -5.99 -7.07 -2.20
N HIS A 79 -6.85 -7.19 -3.22
CA HIS A 79 -6.43 -7.84 -4.44
C HIS A 79 -5.29 -7.10 -5.10
N LEU A 80 -5.28 -5.76 -5.01
CA LEU A 80 -4.14 -5.01 -5.55
C LEU A 80 -2.83 -5.45 -4.88
N MET A 81 -2.87 -5.68 -3.56
N MET A 81 -2.86 -5.68 -3.57
CA MET A 81 -1.65 -6.04 -2.87
CA MET A 81 -1.63 -6.04 -2.88
C MET A 81 -1.22 -7.47 -3.20
C MET A 81 -1.21 -7.47 -3.20
N ILE A 82 -2.17 -8.38 -3.32
CA ILE A 82 -1.84 -9.77 -3.66
C ILE A 82 -1.25 -9.84 -5.05
N VAL A 83 -1.89 -9.18 -6.02
CA VAL A 83 -1.33 -9.11 -7.37
C VAL A 83 0.03 -8.42 -7.36
N GLY A 84 0.15 -7.34 -6.57
CA GLY A 84 1.42 -6.67 -6.44
C GLY A 84 2.53 -7.60 -5.99
N LYS A 85 2.28 -8.38 -4.93
CA LYS A 85 3.34 -9.25 -4.43
C LYS A 85 3.61 -10.41 -5.38
N LYS A 86 2.58 -10.90 -6.08
CA LYS A 86 2.79 -11.96 -7.06
C LYS A 86 3.61 -11.46 -8.24
N CYS A 87 3.30 -10.26 -8.74
CA CYS A 87 4.08 -9.70 -9.83
C CYS A 87 5.52 -9.45 -9.41
N ALA A 88 5.71 -8.98 -8.17
CA ALA A 88 7.08 -8.77 -7.69
C ALA A 88 7.87 -10.07 -7.70
N ALA A 89 7.25 -11.16 -7.25
CA ALA A 89 7.93 -12.45 -7.34
C ALA A 89 8.22 -12.83 -8.78
N ASP A 90 7.23 -12.64 -9.67
CA ASP A 90 7.41 -12.98 -11.08
C ASP A 90 8.50 -12.16 -11.73
N LEU A 91 8.74 -10.94 -11.23
CA LEU A 91 9.81 -10.09 -11.71
C LEU A 91 11.13 -10.35 -10.99
N GLY A 92 11.19 -11.34 -10.12
CA GLY A 92 12.47 -11.68 -9.50
C GLY A 92 12.95 -10.73 -8.43
N LEU A 93 12.03 -10.01 -7.77
CA LEU A 93 12.41 -9.11 -6.68
C LEU A 93 12.56 -9.91 -5.37
N ASN A 94 13.53 -10.83 -5.39
CA ASN A 94 13.70 -11.77 -4.28
C ASN A 94 14.27 -11.12 -3.02
N LYS A 95 14.88 -9.95 -3.14
CA LYS A 95 15.39 -9.25 -1.97
C LYS A 95 14.35 -8.35 -1.32
N GLY A 96 13.19 -8.20 -1.91
CA GLY A 96 12.10 -7.45 -1.33
C GLY A 96 11.75 -6.24 -2.18
N TYR A 97 10.89 -5.39 -1.61
CA TYR A 97 10.29 -4.30 -2.35
C TYR A 97 9.44 -3.47 -1.39
N ARG A 98 8.97 -2.34 -1.89
CA ARG A 98 8.14 -1.42 -1.12
C ARG A 98 6.87 -1.14 -1.90
N MET A 99 5.74 -1.22 -1.22
CA MET A 99 4.43 -0.88 -1.76
C MET A 99 3.99 0.46 -1.19
N VAL A 100 3.47 1.34 -2.04
CA VAL A 100 3.11 2.70 -1.65
C VAL A 100 1.76 3.06 -2.25
N VAL A 101 0.87 3.61 -1.42
CA VAL A 101 -0.34 4.27 -1.87
C VAL A 101 -0.26 5.73 -1.43
N ASN A 102 -0.42 6.64 -2.39
CA ASN A 102 -0.40 8.07 -2.12
C ASN A 102 -1.81 8.62 -2.09
N GLU A 103 -2.12 9.43 -1.08
CA GLU A 103 -3.42 10.07 -0.97
C GLU A 103 -3.25 11.58 -1.00
N GLY A 104 -3.88 12.23 -1.98
CA GLY A 104 -3.97 13.67 -1.99
C GLY A 104 -2.64 14.40 -2.08
N SER A 105 -2.69 15.67 -1.68
CA SER A 105 -1.56 16.56 -1.94
C SER A 105 -0.36 16.19 -1.09
N ASP A 106 -0.56 16.08 0.23
CA ASP A 106 0.54 15.71 1.13
C ASP A 106 1.07 14.32 0.81
N GLY A 107 0.22 13.44 0.30
CA GLY A 107 0.69 12.12 -0.08
C GLY A 107 1.46 12.08 -1.37
N GLY A 108 1.42 13.16 -2.15
CA GLY A 108 2.08 13.16 -3.43
C GLY A 108 1.26 12.52 -4.52
N GLN A 109 -0.06 12.50 -4.41
CA GLN A 109 -0.90 11.91 -5.45
C GLN A 109 -1.07 12.89 -6.61
N SER A 110 -0.73 12.44 -7.83
CA SER A 110 -0.91 13.27 -9.01
C SER A 110 -1.89 12.70 -10.03
N VAL A 111 -2.22 11.42 -9.97
CA VAL A 111 -3.26 10.83 -10.80
C VAL A 111 -4.37 10.35 -9.89
N TYR A 112 -5.59 10.85 -10.11
CA TYR A 112 -6.70 10.56 -9.21
C TYR A 112 -7.51 9.36 -9.71
N HIS A 113 -6.78 8.25 -9.76
CA HIS A 113 -7.31 6.91 -9.93
C HIS A 113 -6.45 6.06 -9.01
N VAL A 114 -7.07 5.33 -8.07
N VAL A 114 -7.07 5.33 -8.07
CA VAL A 114 -6.29 4.63 -7.05
CA VAL A 114 -6.33 4.63 -7.03
C VAL A 114 -5.22 3.79 -7.71
C VAL A 114 -5.25 3.74 -7.66
N HIS A 115 -4.04 3.76 -7.08
CA HIS A 115 -2.98 2.94 -7.61
C HIS A 115 -1.99 2.58 -6.51
N LEU A 116 -1.45 1.36 -6.59
CA LEU A 116 -0.42 0.87 -5.70
C LEU A 116 0.92 0.88 -6.43
N HIS A 117 1.88 1.64 -5.92
CA HIS A 117 3.25 1.56 -6.42
C HIS A 117 3.95 0.34 -5.85
N VAL A 118 4.75 -0.34 -6.66
CA VAL A 118 5.62 -1.40 -6.16
C VAL A 118 7.02 -1.10 -6.67
N LEU A 119 7.96 -0.91 -5.75
CA LEU A 119 9.34 -0.51 -6.07
C LEU A 119 10.33 -1.52 -5.50
N GLY A 120 11.30 -1.91 -6.31
CA GLY A 120 12.31 -2.84 -5.85
C GLY A 120 13.54 -2.80 -6.74
N GLY A 121 14.43 -3.77 -6.52
CA GLY A 121 15.67 -3.83 -7.25
C GLY A 121 16.78 -2.96 -6.71
N ARG A 122 16.53 -2.24 -5.61
CA ARG A 122 17.55 -1.50 -4.89
C ARG A 122 17.14 -1.43 -3.44
N GLN A 123 18.08 -1.04 -2.59
CA GLN A 123 17.76 -0.77 -1.19
C GLN A 123 16.85 0.46 -1.10
N MET A 124 15.67 0.29 -0.51
CA MET A 124 14.82 1.44 -0.24
C MET A 124 15.20 2.02 1.12
N HIS A 125 15.09 3.34 1.24
CA HIS A 125 15.54 4.07 2.41
C HIS A 125 14.37 4.46 3.30
N TRP A 126 14.70 4.89 4.53
CA TRP A 126 13.72 5.36 5.50
C TRP A 126 14.12 6.77 5.88
N PRO A 127 13.15 7.70 5.99
CA PRO A 127 11.70 7.54 5.81
C PRO A 127 11.31 7.35 4.34
N PRO A 128 10.12 6.90 4.10
CA PRO A 128 9.68 6.65 2.71
C PRO A 128 9.19 7.93 2.04
N GLY A 129 10.10 8.89 1.90
CA GLY A 129 9.73 10.22 1.43
C GLY A 129 9.34 11.08 2.61
N GLY B 18 7.59 -17.42 14.61
CA GLY B 18 8.32 -16.59 15.56
C GLY B 18 7.55 -15.35 15.98
N ASP B 19 7.41 -15.15 17.29
CA ASP B 19 6.73 -13.97 17.81
C ASP B 19 7.55 -12.72 17.56
N THR B 20 6.87 -11.57 17.55
CA THR B 20 7.51 -10.29 17.34
C THR B 20 6.97 -9.30 18.36
N ILE B 21 7.60 -8.13 18.41
CA ILE B 21 7.11 -7.08 19.30
C ILE B 21 5.68 -6.67 18.95
N PHE B 22 5.30 -6.77 17.68
CA PHE B 22 3.91 -6.44 17.34
C PHE B 22 2.95 -7.47 17.91
N GLY B 23 3.35 -8.74 18.02
CA GLY B 23 2.52 -9.71 18.70
C GLY B 23 2.31 -9.36 20.16
N LYS B 24 3.37 -8.90 20.82
CA LYS B 24 3.25 -8.46 22.21
C LYS B 24 2.31 -7.26 22.31
N ILE B 25 2.33 -6.38 21.31
CA ILE B 25 1.45 -5.22 21.37
C ILE B 25 -0.01 -5.65 21.20
N ILE B 26 -0.26 -6.57 20.25
CA ILE B 26 -1.61 -7.13 20.06
C ILE B 26 -2.11 -7.77 21.34
N ARG B 27 -1.24 -8.50 22.03
CA ARG B 27 -1.62 -9.21 23.26
C ARG B 27 -1.65 -8.30 24.47
N LYS B 28 -1.37 -7.01 24.28
CA LYS B 28 -1.39 -5.96 25.31
C LYS B 28 -0.34 -6.20 26.38
N GLU B 29 0.71 -6.94 26.03
CA GLU B 29 1.78 -7.24 26.97
C GLU B 29 2.74 -6.06 27.12
N ILE B 30 2.87 -5.22 26.11
CA ILE B 30 3.61 -3.96 26.25
C ILE B 30 2.72 -2.84 25.73
N PRO B 31 2.96 -1.61 26.19
CA PRO B 31 2.08 -0.51 25.82
C PRO B 31 2.33 0.00 24.41
N ALA B 32 1.27 0.55 23.84
CA ALA B 32 1.32 1.27 22.58
C ALA B 32 0.17 2.24 22.62
N LYS B 33 0.28 3.32 21.84
CA LYS B 33 -0.79 4.33 21.80
C LYS B 33 -1.80 3.85 20.76
N ILE B 34 -2.82 3.15 21.22
CA ILE B 34 -3.78 2.49 20.31
C ILE B 34 -4.77 3.52 19.80
N ILE B 35 -4.97 3.52 18.47
CA ILE B 35 -5.91 4.40 17.80
C ILE B 35 -7.24 3.71 17.59
N PHE B 36 -7.21 2.44 17.22
CA PHE B 36 -8.43 1.73 16.86
C PHE B 36 -8.16 0.24 16.94
N GLU B 37 -9.19 -0.54 17.29
CA GLU B 37 -9.05 -1.98 17.33
C GLU B 37 -10.38 -2.59 16.92
N ASP B 38 -10.32 -3.73 16.26
CA ASP B 38 -11.53 -4.53 16.07
C ASP B 38 -11.13 -5.99 16.26
N ASP B 39 -11.94 -6.90 15.73
CA ASP B 39 -11.68 -8.32 15.97
C ASP B 39 -10.55 -8.86 15.12
N ARG B 40 -10.05 -8.09 14.15
CA ARG B 40 -9.07 -8.61 13.21
C ARG B 40 -7.90 -7.68 12.94
N CYS B 41 -7.86 -6.49 13.51
CA CYS B 41 -6.72 -5.62 13.26
C CYS B 41 -6.58 -4.62 14.41
N LEU B 42 -5.43 -3.96 14.44
CA LEU B 42 -5.10 -3.00 15.48
C LEU B 42 -4.35 -1.85 14.82
N ALA B 43 -4.72 -0.63 15.14
CA ALA B 43 -4.02 0.56 14.68
C ALA B 43 -3.42 1.30 15.86
N PHE B 44 -2.16 1.71 15.74
CA PHE B 44 -1.48 2.34 16.85
C PHE B 44 -0.36 3.23 16.33
N HIS B 45 -0.02 4.25 17.09
CA HIS B 45 1.01 5.19 16.66
C HIS B 45 2.38 4.52 16.66
N ASP B 46 3.19 4.86 15.65
CA ASP B 46 4.52 4.27 15.54
C ASP B 46 5.44 4.87 16.60
N ILE B 47 6.26 4.01 17.21
CA ILE B 47 7.13 4.50 18.28
C ILE B 47 8.28 5.34 17.74
N SER B 48 8.59 5.25 16.45
CA SER B 48 9.65 6.04 15.83
C SER B 48 9.05 6.81 14.66
N PRO B 49 8.22 7.81 14.93
CA PRO B 49 7.43 8.43 13.85
C PRO B 49 8.31 9.21 12.89
N GLN B 50 7.98 9.11 11.60
CA GLN B 50 8.72 9.78 10.53
C GLN B 50 7.94 10.94 9.94
N ALA B 51 6.82 11.29 10.55
CA ALA B 51 5.99 12.40 10.12
C ALA B 51 5.19 12.86 11.34
N PRO B 52 4.60 14.05 11.30
CA PRO B 52 3.82 14.51 12.47
C PRO B 52 2.76 13.52 12.90
N THR B 53 2.15 12.82 11.94
CA THR B 53 1.27 11.68 12.20
C THR B 53 1.86 10.47 11.51
N HIS B 54 2.12 9.41 12.26
CA HIS B 54 2.69 8.20 11.69
C HIS B 54 2.19 7.04 12.55
N PHE B 55 1.26 6.25 12.00
CA PHE B 55 0.76 5.09 12.71
C PHE B 55 0.84 3.85 11.83
N LEU B 56 0.57 2.72 12.47
CA LEU B 56 0.56 1.41 11.83
C LEU B 56 -0.82 0.79 11.95
N VAL B 57 -1.20 0.02 10.93
CA VAL B 57 -2.37 -0.85 10.99
C VAL B 57 -1.88 -2.27 10.76
N ILE B 58 -2.13 -3.16 11.70
CA ILE B 58 -1.60 -4.52 11.59
C ILE B 58 -2.73 -5.52 11.76
N PRO B 59 -2.69 -6.64 11.04
CA PRO B 59 -3.66 -7.71 11.29
C PRO B 59 -3.32 -8.45 12.56
N LYS B 60 -4.36 -8.98 13.22
CA LYS B 60 -4.09 -9.79 14.39
C LYS B 60 -3.56 -11.17 13.97
N LYS B 61 -3.93 -11.63 12.78
CA LYS B 61 -3.34 -12.84 12.22
C LYS B 61 -1.86 -12.61 11.93
N HIS B 62 -1.01 -13.54 12.36
CA HIS B 62 0.44 -13.37 12.16
C HIS B 62 0.80 -13.77 10.73
N ILE B 63 0.68 -12.82 9.82
CA ILE B 63 1.28 -12.94 8.50
C ILE B 63 2.65 -12.29 8.59
N SER B 64 3.71 -13.06 8.31
CA SER B 64 5.06 -12.58 8.57
C SER B 64 5.45 -11.46 7.62
N GLN B 65 4.95 -11.50 6.39
CA GLN B 65 5.37 -10.54 5.37
C GLN B 65 4.41 -10.66 4.20
N ILE B 66 4.26 -9.57 3.46
CA ILE B 66 3.24 -9.55 2.41
C ILE B 66 3.54 -10.61 1.35
N SER B 67 4.80 -11.00 1.18
CA SER B 67 5.12 -11.94 0.12
C SER B 67 4.55 -13.34 0.38
N VAL B 68 4.19 -13.65 1.63
CA VAL B 68 3.62 -14.97 1.95
C VAL B 68 2.12 -14.90 2.22
N ALA B 69 1.52 -13.73 2.08
CA ALA B 69 0.07 -13.64 2.21
C ALA B 69 -0.61 -14.54 1.18
N GLU B 70 -1.67 -15.21 1.60
CA GLU B 70 -2.43 -16.11 0.75
C GLU B 70 -3.61 -15.38 0.12
N ASP B 71 -4.17 -15.98 -0.94
CA ASP B 71 -5.30 -15.36 -1.63
C ASP B 71 -6.47 -15.09 -0.69
N ASP B 72 -6.72 -16.00 0.25
CA ASP B 72 -7.82 -15.83 1.19
C ASP B 72 -7.61 -14.65 2.15
N ASP B 73 -6.41 -14.08 2.20
CA ASP B 73 -6.11 -12.90 3.01
C ASP B 73 -6.51 -11.60 2.34
N GLU B 74 -7.04 -11.66 1.12
N GLU B 74 -7.07 -11.64 1.12
CA GLU B 74 -7.26 -10.45 0.33
CA GLU B 74 -7.22 -10.42 0.33
C GLU B 74 -8.12 -9.44 1.07
C GLU B 74 -8.15 -9.41 1.00
N SER B 75 -9.28 -9.85 1.56
CA SER B 75 -10.17 -8.89 2.20
C SER B 75 -9.58 -8.37 3.50
N LEU B 76 -8.81 -9.19 4.20
CA LEU B 76 -8.13 -8.74 5.42
C LEU B 76 -7.13 -7.64 5.11
N LEU B 77 -6.34 -7.82 4.05
CA LEU B 77 -5.38 -6.79 3.65
C LEU B 77 -6.08 -5.51 3.24
N GLY B 78 -7.16 -5.64 2.46
CA GLY B 78 -7.97 -4.46 2.15
C GLY B 78 -8.58 -3.82 3.37
N HIS B 79 -8.95 -4.63 4.38
CA HIS B 79 -9.45 -4.08 5.63
C HIS B 79 -8.42 -3.20 6.30
N LEU B 80 -7.15 -3.62 6.30
CA LEU B 80 -6.09 -2.77 6.85
C LEU B 80 -6.08 -1.40 6.18
N MET B 81 -6.28 -1.37 4.86
CA MET B 81 -6.24 -0.08 4.16
C MET B 81 -7.49 0.76 4.46
N ILE B 82 -8.68 0.13 4.53
CA ILE B 82 -9.88 0.88 4.87
C ILE B 82 -9.81 1.41 6.30
N VAL B 83 -9.38 0.57 7.25
CA VAL B 83 -9.17 1.07 8.62
C VAL B 83 -8.15 2.20 8.62
N GLY B 84 -7.06 2.03 7.87
CA GLY B 84 -6.05 3.07 7.80
C GLY B 84 -6.58 4.38 7.29
N LYS B 85 -7.38 4.34 6.22
CA LYS B 85 -7.89 5.61 5.71
C LYS B 85 -8.92 6.22 6.66
N LYS B 86 -9.69 5.39 7.37
CA LYS B 86 -10.64 5.93 8.34
C LYS B 86 -9.92 6.55 9.53
N CYS B 87 -8.88 5.89 10.04
CA CYS B 87 -8.09 6.47 11.12
C CYS B 87 -7.43 7.76 10.68
N ALA B 88 -6.92 7.82 9.44
CA ALA B 88 -6.29 9.05 8.97
C ALA B 88 -7.26 10.21 8.98
N ALA B 89 -8.50 9.97 8.54
CA ALA B 89 -9.53 11.01 8.59
C ALA B 89 -9.81 11.43 10.02
N ASP B 90 -9.95 10.46 10.93
CA ASP B 90 -10.19 10.76 12.33
C ASP B 90 -9.05 11.57 12.93
N LEU B 91 -7.81 11.29 12.51
CA LEU B 91 -6.68 12.04 13.01
C LEU B 91 -6.50 13.38 12.28
N GLY B 92 -7.43 13.75 11.42
CA GLY B 92 -7.42 15.06 10.82
C GLY B 92 -6.47 15.23 9.66
N LEU B 93 -6.11 14.15 8.98
CA LEU B 93 -5.19 14.22 7.84
C LEU B 93 -5.93 14.58 6.55
N ASN B 94 -6.52 15.77 6.55
CA ASN B 94 -7.35 16.19 5.42
C ASN B 94 -6.54 16.67 4.21
N LYS B 95 -5.23 16.89 4.35
CA LYS B 95 -4.42 17.27 3.21
C LYS B 95 -3.76 16.08 2.52
N GLY B 96 -3.95 14.87 3.04
CA GLY B 96 -3.42 13.67 2.41
C GLY B 96 -2.45 12.94 3.33
N TYR B 97 -1.93 11.83 2.81
CA TYR B 97 -1.07 10.93 3.58
C TYR B 97 -0.53 9.87 2.63
N ARG B 98 0.41 9.07 3.15
CA ARG B 98 1.04 8.01 2.38
C ARG B 98 0.95 6.70 3.14
N MET B 99 0.53 5.64 2.45
CA MET B 99 0.47 4.30 3.01
C MET B 99 1.62 3.46 2.46
N VAL B 100 2.30 2.71 3.33
CA VAL B 100 3.50 1.99 2.93
C VAL B 100 3.47 0.57 3.50
N VAL B 101 3.78 -0.41 2.67
CA VAL B 101 4.05 -1.77 3.14
C VAL B 101 5.44 -2.14 2.66
N ASN B 102 6.33 -2.49 3.60
CA ASN B 102 7.69 -2.90 3.28
C ASN B 102 7.79 -4.43 3.28
N GLU B 103 8.54 -4.96 2.32
CA GLU B 103 8.80 -6.39 2.21
C GLU B 103 10.30 -6.62 2.14
N GLY B 104 10.83 -7.42 3.08
CA GLY B 104 12.19 -7.90 2.93
C GLY B 104 13.25 -6.84 3.18
N SER B 105 14.50 -7.21 2.90
N SER B 105 14.49 -7.25 2.92
CA SER B 105 15.60 -6.32 3.23
CA SER B 105 15.65 -6.40 3.17
C SER B 105 15.64 -5.10 2.30
C SER B 105 15.61 -5.14 2.31
N ASP B 106 15.45 -5.30 1.00
CA ASP B 106 15.38 -4.15 0.10
C ASP B 106 14.21 -3.24 0.45
N GLY B 107 13.09 -3.82 0.87
CA GLY B 107 11.96 -2.98 1.26
C GLY B 107 12.16 -2.30 2.59
N GLY B 108 13.17 -2.69 3.34
CA GLY B 108 13.40 -2.09 4.65
C GLY B 108 12.41 -2.55 5.71
N GLN B 109 11.87 -3.75 5.56
CA GLN B 109 10.88 -4.24 6.52
C GLN B 109 11.55 -4.45 7.87
N SER B 110 11.02 -3.79 8.90
N SER B 110 11.01 -3.80 8.90
CA SER B 110 11.66 -3.79 10.22
CA SER B 110 11.64 -3.75 10.22
C SER B 110 11.17 -4.91 11.11
C SER B 110 11.12 -4.80 11.20
N VAL B 111 9.88 -5.26 11.03
CA VAL B 111 9.28 -6.27 11.89
C VAL B 111 8.60 -7.28 10.99
N TYR B 112 8.87 -8.56 11.21
CA TYR B 112 8.29 -9.61 10.36
C TYR B 112 6.91 -10.01 10.89
N HIS B 113 6.05 -8.98 10.89
CA HIS B 113 4.60 -9.07 11.06
C HIS B 113 4.03 -8.01 10.13
N VAL B 114 3.21 -8.42 9.15
CA VAL B 114 2.72 -7.50 8.13
C VAL B 114 2.14 -6.25 8.78
N HIS B 115 2.58 -5.08 8.30
CA HIS B 115 2.05 -3.83 8.86
C HIS B 115 1.97 -2.78 7.77
N LEU B 116 0.91 -1.98 7.84
CA LEU B 116 0.69 -0.87 6.95
C LEU B 116 1.07 0.42 7.68
N HIS B 117 2.10 1.10 7.18
CA HIS B 117 2.44 2.44 7.65
C HIS B 117 1.46 3.44 7.07
N VAL B 118 1.07 4.44 7.88
CA VAL B 118 0.31 5.58 7.39
C VAL B 118 0.97 6.84 7.93
N LEU B 119 1.43 7.70 7.02
CA LEU B 119 2.20 8.89 7.38
C LEU B 119 1.55 10.14 6.79
N GLY B 120 1.42 11.18 7.60
CA GLY B 120 0.92 12.44 7.10
C GLY B 120 1.28 13.57 8.04
N GLY B 121 0.64 14.71 7.82
CA GLY B 121 0.94 15.90 8.60
C GLY B 121 2.10 16.71 8.06
N ARG B 122 2.72 16.27 6.97
CA ARG B 122 3.75 17.03 6.26
C ARG B 122 3.70 16.60 4.81
N GLN B 123 4.40 17.35 3.96
CA GLN B 123 4.55 16.94 2.58
C GLN B 123 5.41 15.68 2.52
N MET B 124 4.85 14.61 1.96
CA MET B 124 5.64 13.43 1.67
C MET B 124 6.31 13.61 0.30
N HIS B 125 7.53 13.11 0.17
CA HIS B 125 8.34 13.43 -1.00
C HIS B 125 8.51 12.23 -1.93
N TRP B 126 9.08 12.51 -3.10
CA TRP B 126 9.29 11.49 -4.11
C TRP B 126 10.76 11.55 -4.52
N PRO B 127 11.43 10.38 -4.62
CA PRO B 127 10.91 9.02 -4.45
C PRO B 127 10.56 8.69 -3.00
N PRO B 128 9.77 7.60 -2.77
CA PRO B 128 9.36 7.24 -1.41
C PRO B 128 10.44 6.39 -0.73
N GLY B 129 11.60 7.00 -0.50
CA GLY B 129 12.77 6.27 -0.05
C GLY B 129 13.52 5.67 -1.22
#